data_7DS0
#
_entry.id   7DS0
#
_cell.length_a   58.486
_cell.length_b   90.905
_cell.length_c   40.800
_cell.angle_alpha   90.000
_cell.angle_beta   90.000
_cell.angle_gamma   90.000
#
_symmetry.space_group_name_H-M   'P 21 21 2'
#
loop_
_entity.id
_entity.type
_entity.pdbx_description
1 polymer 'CMP/dCMP-type deaminase domain-containing protein'
2 non-polymer 'ZINC ION'
3 non-polymer 'SULFATE ION'
4 water water
#
_entity_poly.entity_id   1
_entity_poly.type   'polypeptide(L)'
_entity_poly.pdbx_seq_one_letter_code
;MQSPHAKYLRECLSLAEKSPPRPTNFRVGAILVSRKEGDYKTEDDRIVSTGYTMELAGNTHAEQCCLSNYAAVHSVPEDR
VWEVLPSEPDRKLVMYVTMEPCGKRLSGNLPCVQRIIRTRQGDRKGIQKIYFGVKEPGTFVGGSEGCQMLTAAGIDWQVV
NGLEREILEVAVAGHENREEEVKAALDTLEHHHHHH
;
_entity_poly.pdbx_strand_id   A
#
loop_
_chem_comp.id
_chem_comp.type
_chem_comp.name
_chem_comp.formula
SO4 non-polymer 'SULFATE ION' 'O4 S -2'
ZN non-polymer 'ZINC ION' 'Zn 2'
#
# COMPACT_ATOMS: atom_id res chain seq x y z
N PRO A 4 -9.79 5.36 -13.23
CA PRO A 4 -9.21 4.03 -12.98
C PRO A 4 -8.58 3.90 -11.59
N HIS A 5 -8.04 5.00 -11.06
CA HIS A 5 -7.40 4.92 -9.75
C HIS A 5 -8.41 4.60 -8.66
N ALA A 6 -9.60 5.20 -8.74
CA ALA A 6 -10.64 4.90 -7.76
C ALA A 6 -11.09 3.45 -7.86
N LYS A 7 -11.17 2.92 -9.09
CA LYS A 7 -11.51 1.52 -9.28
C LYS A 7 -10.47 0.61 -8.60
N TYR A 8 -9.19 0.95 -8.73
CA TYR A 8 -8.15 0.17 -8.07
C TYR A 8 -8.27 0.23 -6.56
N LEU A 9 -8.58 1.43 -6.02
CA LEU A 9 -8.73 1.54 -4.58
C LEU A 9 -9.93 0.76 -4.07
N ARG A 10 -11.00 0.66 -4.86
CA ARG A 10 -12.13 -0.16 -4.48
C ARG A 10 -11.76 -1.64 -4.44
N GLU A 11 -10.92 -2.08 -5.39
CA GLU A 11 -10.37 -3.43 -5.29
C GLU A 11 -9.49 -3.58 -4.06
N CYS A 12 -8.76 -2.52 -3.70
CA CYS A 12 -7.95 -2.56 -2.49
C CYS A 12 -8.84 -2.69 -1.26
N LEU A 13 -10.02 -2.05 -1.31
CA LEU A 13 -10.97 -2.14 -0.21
C LEU A 13 -11.47 -3.57 -0.04
N SER A 14 -11.70 -4.26 -1.15
CA SER A 14 -12.16 -5.65 -1.10
C SER A 14 -11.11 -6.54 -0.45
N LEU A 15 -9.84 -6.29 -0.77
CA LEU A 15 -8.76 -7.02 -0.11
C LEU A 15 -8.71 -6.71 1.37
N ALA A 16 -8.85 -5.43 1.73
CA ALA A 16 -8.81 -5.02 3.13
C ALA A 16 -9.90 -5.71 3.93
N GLU A 17 -11.03 -6.03 3.29
CA GLU A 17 -12.12 -6.68 3.98
C GLU A 17 -11.82 -8.13 4.34
N LYS A 18 -10.77 -8.71 3.74
CA LYS A 18 -10.31 -10.03 4.16
C LYS A 18 -9.50 -9.98 5.45
N SER A 19 -9.06 -8.79 5.88
CA SER A 19 -8.23 -8.69 7.07
C SER A 19 -9.04 -9.00 8.33
N PRO A 20 -8.51 -9.81 9.24
CA PRO A 20 -9.19 -10.05 10.50
C PRO A 20 -9.32 -8.76 11.30
N PRO A 21 -10.53 -8.38 11.69
CA PRO A 21 -10.70 -7.14 12.45
C PRO A 21 -10.13 -7.29 13.85
N ARG A 22 -9.14 -6.47 14.17
CA ARG A 22 -8.55 -6.48 15.50
C ARG A 22 -8.76 -5.13 16.16
N PRO A 23 -8.94 -5.11 17.49
CA PRO A 23 -9.13 -3.82 18.18
C PRO A 23 -8.00 -2.83 17.97
N THR A 24 -6.86 -3.25 17.42
CA THR A 24 -5.69 -2.39 17.30
C THR A 24 -5.20 -2.18 15.88
N ASN A 25 -5.44 -3.11 14.95
CA ASN A 25 -4.85 -3.02 13.63
C ASN A 25 -5.64 -2.06 12.73
N PHE A 26 -5.05 -1.73 11.59
CA PHE A 26 -5.76 -1.00 10.53
C PHE A 26 -5.90 -1.92 9.33
N ARG A 27 -7.14 -2.21 8.95
CA ARG A 27 -7.40 -3.16 7.87
C ARG A 27 -7.24 -2.45 6.53
N VAL A 28 -6.23 -2.86 5.76
CA VAL A 28 -5.80 -2.16 4.55
C VAL A 28 -5.59 -3.20 3.46
N GLY A 29 -5.80 -2.78 2.21
CA GLY A 29 -5.53 -3.62 1.06
C GLY A 29 -4.57 -2.90 0.14
N ALA A 30 -3.71 -3.66 -0.52
CA ALA A 30 -2.69 -3.11 -1.42
C ALA A 30 -2.59 -3.94 -2.70
N ILE A 31 -2.40 -3.24 -3.83
CA ILE A 31 -2.27 -3.89 -5.14
C ILE A 31 -1.08 -3.27 -5.86
N LEU A 32 -0.17 -4.13 -6.32
CA LEU A 32 1.01 -3.70 -7.07
C LEU A 32 0.74 -3.91 -8.55
N VAL A 33 0.88 -2.85 -9.34
CA VAL A 33 0.51 -2.85 -10.75
C VAL A 33 1.73 -2.53 -11.60
N SER A 34 1.90 -3.25 -12.70
CA SER A 34 2.87 -2.90 -13.74
C SER A 34 2.13 -2.19 -14.86
N ARG A 35 2.53 -0.94 -15.12
CA ARG A 35 1.82 -0.06 -16.04
C ARG A 35 2.74 0.42 -17.14
N LYS A 36 2.24 0.47 -18.37
CA LYS A 36 3.02 1.00 -19.48
C LYS A 36 3.26 2.48 -19.29
N GLU A 37 4.48 2.93 -19.59
CA GLU A 37 4.73 4.36 -19.57
C GLU A 37 3.98 5.04 -20.70
N GLY A 38 3.58 6.29 -20.47
CA GLY A 38 2.86 7.06 -21.45
C GLY A 38 1.36 7.01 -21.26
N ASP A 39 0.63 7.27 -22.35
CA ASP A 39 -0.83 7.20 -22.38
C ASP A 39 -1.26 5.73 -22.28
N TYR A 40 -1.19 5.21 -21.07
CA TYR A 40 -1.47 3.80 -20.84
C TYR A 40 -2.95 3.48 -21.04
N LYS A 41 -3.21 2.26 -21.50
CA LYS A 41 -4.53 1.65 -21.44
C LYS A 41 -4.58 0.74 -20.23
N THR A 42 -5.57 0.91 -19.40
CA THR A 42 -5.70 0.11 -18.19
C THR A 42 -5.75 -1.36 -18.58
N GLU A 43 -6.20 -1.58 -19.83
CA GLU A 43 -6.30 -2.93 -20.32
C GLU A 43 -4.92 -3.53 -20.39
N ASP A 44 -3.92 -2.67 -20.48
CA ASP A 44 -2.52 -3.09 -20.51
C ASP A 44 -1.90 -3.14 -19.13
N ASP A 45 -2.58 -2.66 -18.09
CA ASP A 45 -2.10 -2.86 -16.74
C ASP A 45 -1.97 -4.35 -16.44
N ARG A 46 -0.98 -4.70 -15.64
CA ARG A 46 -0.79 -6.06 -15.16
C ARG A 46 -0.72 -6.05 -13.64
N ILE A 47 -1.53 -6.90 -12.99
CA ILE A 47 -1.45 -7.03 -11.55
C ILE A 47 -0.25 -7.90 -11.21
N VAL A 48 0.69 -7.34 -10.44
CA VAL A 48 1.93 -8.04 -10.09
C VAL A 48 1.76 -8.79 -8.77
N SER A 49 1.11 -8.18 -7.79
CA SER A 49 0.88 -8.82 -6.51
C SER A 49 -0.22 -8.07 -5.79
N THR A 50 -0.72 -8.69 -4.71
CA THR A 50 -1.73 -8.10 -3.84
C THR A 50 -1.40 -8.49 -2.40
N GLY A 51 -1.96 -7.72 -1.45
CA GLY A 51 -1.78 -8.03 -0.04
C GLY A 51 -2.82 -7.33 0.80
N TYR A 52 -3.05 -7.87 1.99
CA TYR A 52 -3.90 -7.19 2.96
C TYR A 52 -3.33 -7.40 4.35
N THR A 53 -3.77 -6.53 5.27
CA THR A 53 -3.31 -6.56 6.65
C THR A 53 -3.49 -7.94 7.27
N MET A 54 -2.38 -8.47 7.80
CA MET A 54 -2.35 -9.76 8.50
C MET A 54 -2.76 -10.93 7.61
N GLU A 55 -2.60 -10.78 6.30
CA GLU A 55 -2.77 -11.92 5.39
C GLU A 55 -1.74 -13.01 5.70
N LEU A 56 -0.51 -12.60 6.00
CA LEU A 56 0.59 -13.50 6.29
C LEU A 56 0.85 -13.52 7.79
N ALA A 57 1.37 -14.65 8.28
CA ALA A 57 1.52 -14.87 9.70
C ALA A 57 2.29 -13.73 10.36
N GLY A 58 1.86 -13.36 11.55
CA GLY A 58 2.50 -12.28 12.27
C GLY A 58 1.84 -10.93 12.01
N ASN A 59 2.49 -9.91 12.55
CA ASN A 59 2.00 -8.54 12.52
C ASN A 59 2.47 -7.92 11.20
N THR A 60 1.73 -8.21 10.14
CA THR A 60 2.09 -7.80 8.79
C THR A 60 1.11 -6.76 8.26
N HIS A 61 1.64 -5.77 7.55
CA HIS A 61 0.84 -4.74 6.91
C HIS A 61 0.49 -5.15 5.49
N ALA A 62 -0.51 -4.46 4.91
CA ALA A 62 -0.95 -4.77 3.55
C ALA A 62 0.18 -4.66 2.55
N GLU A 63 0.91 -3.53 2.57
CA GLU A 63 1.99 -3.32 1.60
C GLU A 63 3.08 -4.37 1.78
N GLN A 64 3.36 -4.72 3.04
CA GLN A 64 4.35 -5.73 3.37
C GLN A 64 3.93 -7.10 2.82
N CYS A 65 2.66 -7.47 3.01
CA CYS A 65 2.20 -8.76 2.49
C CYS A 65 2.21 -8.79 0.97
N CYS A 66 1.86 -7.66 0.35
CA CYS A 66 1.92 -7.54 -1.11
C CYS A 66 3.31 -7.88 -1.62
N LEU A 67 4.34 -7.26 -1.04
CA LEU A 67 5.72 -7.53 -1.46
C LEU A 67 6.15 -8.93 -1.05
N SER A 68 5.74 -9.37 0.14
CA SER A 68 6.15 -10.67 0.65
C SER A 68 5.56 -11.80 -0.18
N ASN A 69 4.30 -11.66 -0.60
CA ASN A 69 3.68 -12.67 -1.47
C ASN A 69 4.50 -12.87 -2.73
N TYR A 70 4.94 -11.78 -3.35
CA TYR A 70 5.73 -11.86 -4.57
C TYR A 70 7.08 -12.50 -4.28
N ALA A 71 7.75 -12.02 -3.23
CA ALA A 71 9.04 -12.58 -2.83
C ALA A 71 8.95 -14.10 -2.65
N ALA A 72 7.92 -14.57 -1.94
CA ALA A 72 7.78 -15.99 -1.65
C ALA A 72 7.67 -16.82 -2.93
N VAL A 73 6.87 -16.35 -3.89
CA VAL A 73 6.73 -17.05 -5.17
C VAL A 73 8.07 -17.16 -5.88
N HIS A 74 8.95 -16.18 -5.69
CA HIS A 74 10.23 -16.13 -6.37
C HIS A 74 11.39 -16.57 -5.48
N SER A 75 11.09 -17.22 -4.35
CA SER A 75 12.09 -17.91 -3.53
C SER A 75 13.12 -16.97 -2.92
N VAL A 76 12.69 -15.79 -2.49
CA VAL A 76 13.56 -14.89 -1.74
C VAL A 76 12.79 -14.34 -0.53
N PRO A 77 13.46 -13.96 0.55
CA PRO A 77 12.78 -13.20 1.60
C PRO A 77 12.34 -11.84 1.11
N GLU A 78 11.39 -11.24 1.84
CA GLU A 78 10.80 -9.98 1.36
C GLU A 78 11.83 -8.87 1.26
N ASP A 79 12.84 -8.86 2.15
CA ASP A 79 13.82 -7.80 2.09
C ASP A 79 14.64 -7.86 0.81
N ARG A 80 14.59 -8.99 0.10
CA ARG A 80 15.26 -9.15 -1.19
C ARG A 80 14.29 -9.09 -2.36
N VAL A 81 13.04 -8.67 -2.14
CA VAL A 81 12.07 -8.67 -3.24
C VAL A 81 12.51 -7.73 -4.37
N TRP A 82 13.32 -6.72 -4.05
CA TRP A 82 13.80 -5.80 -5.08
C TRP A 82 14.53 -6.54 -6.19
N GLU A 83 15.18 -7.67 -5.85
CA GLU A 83 15.97 -8.42 -6.83
C GLU A 83 15.11 -9.04 -7.92
N VAL A 84 13.86 -9.38 -7.60
CA VAL A 84 13.05 -10.22 -8.46
C VAL A 84 11.83 -9.51 -9.03
N LEU A 85 11.53 -8.31 -8.54
CA LEU A 85 10.42 -7.54 -9.12
C LEU A 85 10.73 -7.23 -10.58
N PRO A 86 9.70 -7.11 -11.42
CA PRO A 86 9.96 -6.74 -12.82
C PRO A 86 10.50 -5.32 -12.92
N SER A 87 11.34 -5.10 -13.93
CA SER A 87 11.95 -3.80 -14.16
C SER A 87 12.10 -3.59 -15.67
N GLU A 88 10.99 -3.62 -16.38
CA GLU A 88 11.03 -3.55 -17.83
C GLU A 88 11.21 -2.11 -18.29
N PRO A 89 11.92 -1.90 -19.40
CA PRO A 89 12.22 -0.52 -19.80
C PRO A 89 10.97 0.31 -20.11
N ASP A 90 9.89 -0.31 -20.59
CA ASP A 90 8.72 0.44 -21.04
C ASP A 90 7.60 0.47 -20.01
N ARG A 91 7.84 -0.02 -18.78
CA ARG A 91 6.81 -0.15 -17.78
C ARG A 91 7.30 0.39 -16.43
N LYS A 92 6.33 0.78 -15.60
CA LYS A 92 6.60 1.24 -14.25
C LYS A 92 5.75 0.47 -13.26
N LEU A 93 6.30 0.27 -12.07
CA LEU A 93 5.56 -0.33 -10.96
C LEU A 93 4.90 0.77 -10.14
N VAL A 94 3.59 0.64 -9.89
CA VAL A 94 2.88 1.55 -9.00
C VAL A 94 2.11 0.70 -7.99
N MET A 95 1.96 1.22 -6.78
CA MET A 95 1.21 0.50 -5.74
C MET A 95 0.01 1.33 -5.32
N TYR A 96 -1.16 0.69 -5.35
CA TYR A 96 -2.39 1.22 -4.77
C TYR A 96 -2.52 0.67 -3.37
N VAL A 97 -2.88 1.54 -2.42
CA VAL A 97 -3.09 1.12 -1.03
C VAL A 97 -4.18 2.01 -0.44
N THR A 98 -5.10 1.42 0.35
CA THR A 98 -6.24 2.25 0.77
C THR A 98 -5.80 3.42 1.62
N MET A 99 -4.81 3.20 2.47
CA MET A 99 -4.29 4.20 3.40
C MET A 99 -2.83 4.49 3.09
N GLU A 100 -2.43 5.75 3.31
CA GLU A 100 -1.04 6.19 3.25
C GLU A 100 -0.10 5.20 3.92
N PRO A 101 0.95 4.73 3.23
CA PRO A 101 1.92 3.82 3.86
C PRO A 101 2.55 4.43 5.10
N CYS A 102 2.74 3.58 6.11
CA CYS A 102 3.29 4.04 7.39
C CYS A 102 4.76 4.42 7.25
N GLY A 103 5.14 5.49 7.94
CA GLY A 103 6.51 5.96 7.99
C GLY A 103 7.21 5.52 9.25
N LYS A 104 6.44 5.10 10.26
CA LYS A 104 6.97 4.54 11.50
C LYS A 104 5.96 3.52 11.99
N ARG A 105 6.42 2.51 12.70
CA ARG A 105 5.51 1.53 13.31
C ARG A 105 5.76 1.49 14.80
N LEU A 106 4.66 1.50 15.58
CA LEU A 106 4.79 1.48 17.03
C LEU A 106 5.58 0.26 17.50
N SER A 107 5.45 -0.86 16.79
CA SER A 107 6.15 -2.08 17.14
C SER A 107 7.64 -2.00 16.89
N GLY A 108 8.09 -1.01 16.15
CA GLY A 108 9.49 -0.93 15.76
C GLY A 108 9.81 -1.69 14.50
N ASN A 109 8.84 -2.42 13.94
CA ASN A 109 9.07 -3.12 12.68
C ASN A 109 9.35 -2.12 11.58
N LEU A 110 10.03 -2.59 10.53
CA LEU A 110 10.40 -1.70 9.44
C LEU A 110 9.14 -1.10 8.79
N PRO A 111 9.06 0.21 8.62
CA PRO A 111 7.83 0.81 8.09
C PRO A 111 7.67 0.54 6.61
N CYS A 112 6.42 0.62 6.15
CA CYS A 112 6.13 0.25 4.77
C CYS A 112 6.82 1.17 3.77
N VAL A 113 6.97 2.46 4.12
CA VAL A 113 7.65 3.37 3.20
C VAL A 113 9.05 2.86 2.91
N GLN A 114 9.72 2.31 3.92
CA GLN A 114 11.07 1.78 3.70
C GLN A 114 11.05 0.51 2.88
N ARG A 115 10.06 -0.36 3.11
CA ARG A 115 9.89 -1.54 2.25
C ARG A 115 9.68 -1.12 0.80
N ILE A 116 9.00 0.01 0.59
CA ILE A 116 8.75 0.49 -0.76
C ILE A 116 10.03 1.10 -1.36
N ILE A 117 10.70 1.96 -0.59
CA ILE A 117 11.90 2.64 -1.08
C ILE A 117 12.96 1.62 -1.47
N ARG A 118 13.09 0.55 -0.69
CA ARG A 118 14.20 -0.36 -0.96
C ARG A 118 13.94 -1.26 -2.17
N THR A 119 12.78 -1.15 -2.84
CA THR A 119 12.62 -1.82 -4.12
C THR A 119 13.43 -1.14 -5.23
N ARG A 120 13.86 0.10 -5.02
CA ARG A 120 14.72 0.77 -5.99
C ARG A 120 16.17 0.56 -5.55
N GLN A 121 16.80 -0.50 -6.07
CA GLN A 121 18.19 -0.82 -5.78
C GLN A 121 18.84 -1.38 -7.03
N GLY A 122 20.17 -1.43 -7.02
CA GLY A 122 20.89 -1.93 -8.19
C GLY A 122 20.43 -1.20 -9.43
N ASP A 123 20.19 -1.94 -10.50
CA ASP A 123 19.63 -1.37 -11.72
C ASP A 123 18.12 -1.51 -11.79
N ARG A 124 17.48 -1.97 -10.73
CA ARG A 124 16.03 -2.16 -10.70
C ARG A 124 15.33 -0.82 -10.41
N LYS A 125 14.30 -0.52 -11.20
CA LYS A 125 13.58 0.74 -11.04
C LYS A 125 12.72 0.75 -9.79
N GLY A 126 12.17 -0.40 -9.39
CA GLY A 126 11.34 -0.46 -8.20
C GLY A 126 9.99 0.24 -8.36
N ILE A 127 9.32 0.41 -7.21
CA ILE A 127 8.02 1.08 -7.16
C ILE A 127 8.24 2.58 -7.35
N GLN A 128 7.58 3.15 -8.36
CA GLN A 128 7.81 4.56 -8.70
C GLN A 128 6.72 5.49 -8.19
N LYS A 129 5.53 4.99 -7.88
CA LYS A 129 4.44 5.86 -7.43
C LYS A 129 3.49 5.06 -6.54
N ILE A 130 2.97 5.74 -5.51
CA ILE A 130 1.95 5.19 -4.60
C ILE A 130 0.68 6.01 -4.79
N TYR A 131 -0.45 5.33 -5.01
CA TYR A 131 -1.77 5.94 -4.93
C TYR A 131 -2.44 5.48 -3.64
N PHE A 132 -3.01 6.41 -2.89
CA PHE A 132 -3.72 6.02 -1.67
C PHE A 132 -4.94 6.93 -1.46
N GLY A 133 -5.84 6.47 -0.59
CA GLY A 133 -7.15 7.11 -0.46
C GLY A 133 -7.33 8.02 0.75
N VAL A 134 -6.60 7.75 1.83
CA VAL A 134 -6.68 8.56 3.04
C VAL A 134 -5.28 8.73 3.61
N LYS A 135 -5.01 9.90 4.17
CA LYS A 135 -3.79 10.06 4.95
C LYS A 135 -3.89 9.23 6.23
N GLU A 136 -2.74 8.90 6.79
CA GLU A 136 -2.69 8.18 8.06
C GLU A 136 -3.44 8.96 9.13
N PRO A 137 -4.46 8.38 9.76
CA PRO A 137 -5.20 9.12 10.79
C PRO A 137 -4.42 9.21 12.09
N GLY A 138 -4.86 10.14 12.93
CA GLY A 138 -4.24 10.37 14.23
C GLY A 138 -3.58 11.73 14.37
N SER A 144 7.83 13.61 8.75
CA SER A 144 7.60 12.35 9.42
C SER A 144 6.39 11.61 8.86
N GLU A 145 5.56 12.31 8.09
CA GLU A 145 4.46 11.66 7.39
C GLU A 145 5.02 10.71 6.33
N GLY A 146 4.34 9.57 6.16
CA GLY A 146 4.76 8.63 5.12
C GLY A 146 4.94 9.28 3.76
N CYS A 147 4.00 10.16 3.39
CA CYS A 147 4.09 10.83 2.08
C CYS A 147 5.34 11.69 1.98
N GLN A 148 5.72 12.36 3.07
CA GLN A 148 6.93 13.18 3.04
C GLN A 148 8.17 12.30 2.89
N MET A 149 8.17 11.13 3.51
CA MET A 149 9.31 10.22 3.38
C MET A 149 9.41 9.63 1.98
N LEU A 150 8.28 9.39 1.34
CA LEU A 150 8.28 8.96 -0.06
C LEU A 150 8.88 10.06 -0.94
N THR A 151 8.39 11.29 -0.78
CA THR A 151 8.94 12.41 -1.54
C THR A 151 10.45 12.50 -1.38
N ALA A 152 10.93 12.40 -0.13
CA ALA A 152 12.34 12.59 0.15
C ALA A 152 13.21 11.56 -0.55
N ALA A 153 12.66 10.36 -0.79
CA ALA A 153 13.36 9.28 -1.49
C ALA A 153 13.05 9.25 -2.98
N GLY A 154 12.31 10.23 -3.49
CA GLY A 154 12.00 10.25 -4.91
C GLY A 154 10.89 9.34 -5.36
N ILE A 155 10.03 8.87 -4.44
CA ILE A 155 8.86 8.07 -4.80
C ILE A 155 7.67 9.02 -4.95
N ASP A 156 7.08 9.04 -6.15
CA ASP A 156 5.89 9.86 -6.39
C ASP A 156 4.69 9.29 -5.62
N TRP A 157 3.69 10.12 -5.42
CA TRP A 157 2.46 9.67 -4.77
C TRP A 157 1.33 10.64 -5.10
N GLN A 158 0.10 10.14 -4.91
CA GLN A 158 -1.09 10.92 -5.24
C GLN A 158 -2.22 10.45 -4.37
N VAL A 159 -2.95 11.39 -3.77
CA VAL A 159 -4.15 11.04 -3.01
C VAL A 159 -5.30 10.94 -4.01
N VAL A 160 -6.10 9.88 -3.88
CA VAL A 160 -7.29 9.67 -4.69
C VAL A 160 -8.47 9.93 -3.77
N ASN A 161 -9.15 11.07 -3.96
CA ASN A 161 -10.20 11.50 -3.07
C ASN A 161 -11.51 10.77 -3.38
N GLY A 162 -12.46 10.86 -2.44
CA GLY A 162 -13.81 10.41 -2.65
C GLY A 162 -14.20 9.15 -1.92
N LEU A 163 -13.22 8.42 -1.34
CA LEU A 163 -13.49 7.15 -0.68
C LEU A 163 -13.12 7.17 0.78
N GLU A 164 -12.99 8.35 1.38
CA GLU A 164 -12.37 8.45 2.69
C GLU A 164 -13.18 7.72 3.76
N ARG A 165 -14.49 7.96 3.79
CA ARG A 165 -15.33 7.37 4.84
C ARG A 165 -15.31 5.84 4.75
N GLU A 166 -15.46 5.30 3.55
CA GLU A 166 -15.48 3.86 3.34
C GLU A 166 -14.15 3.22 3.74
N ILE A 167 -13.04 3.79 3.26
CA ILE A 167 -11.72 3.27 3.61
C ILE A 167 -11.52 3.27 5.11
N LEU A 168 -11.87 4.39 5.76
CA LEU A 168 -11.67 4.50 7.21
C LEU A 168 -12.55 3.51 7.96
N GLU A 169 -13.81 3.39 7.56
CA GLU A 169 -14.72 2.49 8.28
C GLU A 169 -14.24 1.04 8.20
N VAL A 170 -13.77 0.61 7.02
CA VAL A 170 -13.18 -0.71 6.91
C VAL A 170 -11.92 -0.82 7.77
N ALA A 171 -11.07 0.21 7.72
CA ALA A 171 -9.78 0.13 8.39
C ALA A 171 -9.90 -0.05 9.90
N VAL A 172 -10.86 0.64 10.52
CA VAL A 172 -10.97 0.68 11.97
C VAL A 172 -12.15 -0.15 12.47
N ALA A 173 -12.63 -1.08 11.65
CA ALA A 173 -13.82 -1.86 11.99
C ALA A 173 -13.67 -2.59 13.32
N GLY A 174 -12.47 -3.05 13.65
CA GLY A 174 -12.29 -3.76 14.90
C GLY A 174 -12.12 -2.90 16.13
N HIS A 175 -12.03 -1.58 15.96
CA HIS A 175 -11.73 -0.67 17.06
C HIS A 175 -13.00 -0.33 17.85
N GLU A 176 -12.83 -0.12 19.15
CA GLU A 176 -13.99 0.25 19.97
C GLU A 176 -14.37 1.72 19.76
N ASN A 177 -13.39 2.60 19.60
CA ASN A 177 -13.64 4.01 19.36
C ASN A 177 -13.84 4.33 17.89
N ARG A 178 -14.35 3.37 17.10
CA ARG A 178 -14.27 3.46 15.65
C ARG A 178 -15.12 4.60 15.10
N GLU A 179 -16.25 4.92 15.73
CA GLU A 179 -17.08 6.02 15.25
C GLU A 179 -16.39 7.37 15.50
N GLU A 180 -15.86 7.57 16.71
CA GLU A 180 -15.10 8.78 16.99
C GLU A 180 -13.85 8.85 16.12
N GLU A 181 -13.23 7.70 15.86
CA GLU A 181 -11.99 7.66 15.08
C GLU A 181 -12.23 8.10 13.65
N VAL A 182 -13.30 7.61 13.02
CA VAL A 182 -13.60 8.02 11.65
C VAL A 182 -13.98 9.49 11.61
N LYS A 183 -14.83 9.93 12.55
CA LYS A 183 -15.26 11.32 12.55
C LYS A 183 -14.08 12.27 12.69
N ALA A 184 -13.10 11.91 13.53
CA ALA A 184 -11.90 12.72 13.66
C ALA A 184 -11.14 12.79 12.34
N ALA A 185 -11.00 11.65 11.66
CA ALA A 185 -10.21 11.62 10.42
C ALA A 185 -10.92 12.36 9.31
N LEU A 186 -12.25 12.25 9.24
CA LEU A 186 -12.99 13.01 8.24
C LEU A 186 -12.96 14.51 8.54
N ASP A 187 -12.85 14.88 9.81
CA ASP A 187 -12.74 16.29 10.17
C ASP A 187 -11.47 16.92 9.62
N THR A 188 -10.41 16.12 9.41
CA THR A 188 -9.16 16.65 8.89
C THR A 188 -9.19 16.88 7.37
N LEU A 189 -10.33 16.64 6.72
CA LEU A 189 -10.43 16.92 5.29
C LEU A 189 -10.84 18.38 5.05
ZN ZN B . 2.75 -0.09 7.10
S SO4 C . 2.49 -1.93 14.38
O1 SO4 C . 3.50 -2.86 13.88
O2 SO4 C . 3.05 -1.12 15.44
O3 SO4 C . 2.00 -1.10 13.30
O4 SO4 C . 1.37 -2.67 14.97
#